data_9GYA
#
_entry.id   9GYA
#
_cell.length_a   65.920
_cell.length_b   65.920
_cell.length_c   263.570
_cell.angle_alpha   90.00
_cell.angle_beta   90.00
_cell.angle_gamma   120.00
#
_symmetry.space_group_name_H-M   'P 65 2 2'
#
loop_
_entity.id
_entity.type
_entity.pdbx_description
1 polymer 'Vitamin D3 receptor A'
2 polymer 'Nuclear receptor coactivator 2'
3 non-polymer 'ACETATE ION'
4 non-polymer (1~{R},3~{S},5~{Z})-5-[(2~{E})-2-[(1~{R},3~{a}~{S},7~{a}~{R})-1-[(2~{R})-5-dimethylsilylpent-4-yn-2-yl]-7~{a}-methyl-2,3,3~{a},5,6,7-hexahydro-1~{H}-inden-4-ylidene]ethylidene]-4-methylidene-cyclohexane-1,3-diol
5 water water
#
loop_
_entity_poly.entity_id
_entity_poly.type
_entity_poly.pdbx_seq_one_letter_code
_entity_poly.pdbx_strand_id
1 'polypeptide(L)'
;GSHMLSDEQMQIINSLVEAHHKTYDDSYSDFVRFRPPVREGPVTRSASRAASLHSLSDASSDSFNHSPESVDTKLNFSNL
LMMYQDSGSPDSSEEDQQSRLSMLPHLADLVSYSIQKVIGFAKMIPGFRDLTAEDQIALLKSSAIEIIMLRSNQSFSLED
MSWSCGGPDFKYCINDVTKAGHTLELLEPLVKFQVGLKKLKLHEEEHVLLMAICLLSPDRPGVQDHVRIEALQDRLCDVL
QAYIRIQHPGGRLLYAKMIQKLADLRSLNEEHSKQYRSLSFQPEHSMQLTPLVLEVFGSEVS
;
A
2 'polypeptide(L)' KHKILHRLLQDSS B
#
loop_
_chem_comp.id
_chem_comp.type
_chem_comp.name
_chem_comp.formula
A1IQQ non-polymer (1~{R},3~{S},5~{Z})-5-[(2~{E})-2-[(1~{R},3~{a}~{S},7~{a}~{R})-1-[(2~{R})-5-dimethylsilylpent-4-yn-2-yl]-7~{a}-methyl-2,3,3~{a},5,6,7-hexahydro-1~{H}-inden-4-ylidene]ethylidene]-4-methylidene-cyclohexane-1,3-diol 'C26 H40 O2 Si'
ACT non-polymer 'ACETATE ION' 'C2 H3 O2 -1'
#
# COMPACT_ATOMS: atom_id res chain seq x y z
N HIS A 3 -29.13 -10.50 0.98
CA HIS A 3 -29.64 -9.40 0.16
C HIS A 3 -29.48 -8.06 0.83
N MET A 4 -28.77 -8.08 1.97
CA MET A 4 -28.64 -6.90 2.81
C MET A 4 -27.40 -7.11 3.68
N LEU A 5 -26.66 -6.04 3.91
CA LEU A 5 -25.47 -6.14 4.74
C LEU A 5 -25.86 -6.27 6.21
N SER A 6 -25.17 -7.16 6.92
CA SER A 6 -25.42 -7.34 8.35
C SER A 6 -24.82 -6.17 9.12
N ASP A 7 -25.25 -6.05 10.38
CA ASP A 7 -24.80 -4.93 11.20
C ASP A 7 -23.31 -5.05 11.51
N GLU A 8 -22.82 -6.27 11.75
CA GLU A 8 -21.40 -6.42 12.04
C GLU A 8 -20.56 -6.20 10.79
N GLN A 9 -21.11 -6.47 9.61
CA GLN A 9 -20.40 -6.17 8.36
C GLN A 9 -20.24 -4.67 8.17
N MET A 10 -21.29 -3.89 8.45
CA MET A 10 -21.16 -2.47 8.23
C MET A 10 -20.30 -1.80 9.31
N GLN A 11 -20.24 -2.38 10.51
CA GLN A 11 -19.27 -1.90 11.49
C GLN A 11 -17.84 -2.02 10.94
N ILE A 12 -17.53 -3.15 10.31
CA ILE A 12 -16.21 -3.35 9.71
C ILE A 12 -15.93 -2.28 8.67
N ILE A 13 -16.91 -2.03 7.79
CA ILE A 13 -16.74 -0.99 6.76
C ILE A 13 -16.52 0.37 7.41
N ASN A 14 -17.35 0.71 8.40
CA ASN A 14 -17.20 2.00 9.06
C ASN A 14 -15.83 2.15 9.69
N SER A 15 -15.37 1.11 10.40
CA SER A 15 -14.04 1.15 11.02
C SER A 15 -12.96 1.35 9.98
N LEU A 16 -13.05 0.63 8.87
CA LEU A 16 -12.01 0.75 7.86
C LEU A 16 -12.05 2.10 7.16
N VAL A 17 -13.23 2.61 6.87
CA VAL A 17 -13.29 3.93 6.22
C VAL A 17 -12.69 4.99 7.13
N GLU A 18 -13.06 4.96 8.42
CA GLU A 18 -12.52 5.93 9.36
C GLU A 18 -11.01 5.81 9.47
N ALA A 19 -10.49 4.57 9.48
CA ALA A 19 -9.06 4.35 9.57
C ALA A 19 -8.33 4.95 8.37
N HIS A 20 -8.90 4.78 7.17
CA HIS A 20 -8.29 5.37 5.99
C HIS A 20 -8.39 6.89 6.01
N HIS A 21 -9.52 7.43 6.46
CA HIS A 21 -9.63 8.89 6.49
C HIS A 21 -8.63 9.51 7.47
N LYS A 22 -8.32 8.81 8.56
CA LYS A 22 -7.38 9.31 9.55
C LYS A 22 -5.93 9.23 9.08
N THR A 23 -5.65 8.40 8.08
CA THR A 23 -4.27 8.14 7.68
C THR A 23 -4.02 8.49 6.23
N TYR A 24 -4.96 9.13 5.55
CA TYR A 24 -4.74 9.63 4.19
C TYR A 24 -5.21 11.07 4.15
N ASP A 25 -4.25 11.99 4.06
CA ASP A 25 -4.52 13.42 4.08
C ASP A 25 -4.54 13.93 2.64
N ASP A 26 -5.75 14.19 2.13
CA ASP A 26 -6.00 14.66 0.77
C ASP A 26 -5.39 16.02 0.48
N SER A 27 -4.96 16.78 1.49
CA SER A 27 -4.35 18.08 1.22
C SER A 27 -2.89 17.96 0.81
N TYR A 28 -2.23 16.85 1.15
CA TYR A 28 -0.84 16.58 0.84
C TYR A 28 0.08 17.65 1.40
N SER A 29 -0.36 18.37 2.43
CA SER A 29 0.42 19.49 2.93
C SER A 29 1.69 19.03 3.64
N ASP A 30 1.74 17.80 4.15
CA ASP A 30 2.98 17.29 4.73
C ASP A 30 4.08 17.12 3.69
N PHE A 31 3.76 17.07 2.39
CA PHE A 31 4.78 16.76 1.39
C PHE A 31 5.89 17.81 1.34
N VAL A 32 5.59 19.06 1.71
CA VAL A 32 6.63 20.10 1.70
C VAL A 32 7.74 19.78 2.72
N ARG A 33 7.47 18.89 3.66
CA ARG A 33 8.45 18.49 4.67
C ARG A 33 9.51 17.52 4.14
N PHE A 34 9.27 16.91 2.97
CA PHE A 34 10.20 15.96 2.40
C PHE A 34 11.40 16.67 1.80
N ARG A 35 12.51 15.94 1.66
CA ARG A 35 13.58 16.48 0.84
C ARG A 35 13.02 16.83 -0.53
N PRO A 36 13.34 18.00 -1.07
CA PRO A 36 12.62 18.48 -2.25
C PRO A 36 12.89 17.61 -3.46
N PRO A 37 11.95 17.54 -4.40
CA PRO A 37 12.19 16.78 -5.63
C PRO A 37 13.21 17.50 -6.51
N VAL A 38 14.00 16.71 -7.25
CA VAL A 38 15.00 17.25 -8.16
C VAL A 38 14.86 16.52 -9.49
N ARG A 39 14.55 17.27 -10.55
CA ARG A 39 14.36 16.70 -11.87
C ARG A 39 15.25 17.41 -12.91
N ARG A 100 22.82 11.49 -10.01
CA ARG A 100 22.20 10.62 -11.00
C ARG A 100 20.77 10.29 -10.61
N LEU A 101 20.60 9.84 -9.37
CA LEU A 101 19.28 9.50 -8.84
C LEU A 101 18.71 10.72 -8.10
N SER A 102 18.48 11.77 -8.89
CA SER A 102 18.06 13.07 -8.37
C SER A 102 16.74 13.00 -7.60
N MET A 103 15.84 12.08 -7.95
CA MET A 103 14.57 11.98 -7.25
C MET A 103 14.59 10.99 -6.10
N LEU A 104 15.69 10.27 -5.88
CA LEU A 104 15.71 9.30 -4.78
C LEU A 104 15.47 9.94 -3.42
N PRO A 105 16.05 11.10 -3.05
CA PRO A 105 15.75 11.64 -1.72
C PRO A 105 14.27 11.98 -1.52
N HIS A 106 13.64 12.66 -2.48
CA HIS A 106 12.22 12.98 -2.34
C HIS A 106 11.35 11.73 -2.29
N LEU A 107 11.61 10.78 -3.18
CA LEU A 107 10.75 9.60 -3.22
C LEU A 107 10.98 8.71 -2.03
N ALA A 108 12.23 8.63 -1.53
CA ALA A 108 12.49 7.90 -0.29
C ALA A 108 11.65 8.46 0.85
N ASP A 109 11.61 9.78 0.97
CA ASP A 109 10.82 10.40 2.03
C ASP A 109 9.33 10.17 1.80
N LEU A 110 8.88 10.22 0.55
CA LEU A 110 7.47 9.97 0.28
C LEU A 110 7.09 8.55 0.71
N VAL A 111 7.93 7.58 0.36
CA VAL A 111 7.64 6.19 0.70
C VAL A 111 7.70 5.99 2.21
N SER A 112 8.73 6.55 2.87
CA SER A 112 8.85 6.44 4.32
C SER A 112 7.64 7.02 5.03
N TYR A 113 7.21 8.21 4.60
CA TYR A 113 5.99 8.81 5.14
C TYR A 113 4.79 7.89 4.94
N SER A 114 4.69 7.29 3.75
CA SER A 114 3.54 6.45 3.41
C SER A 114 3.54 5.16 4.22
N ILE A 115 4.72 4.61 4.50
CA ILE A 115 4.80 3.43 5.37
C ILE A 115 4.21 3.72 6.74
N GLN A 116 4.55 4.88 7.32
CA GLN A 116 3.98 5.28 8.60
C GLN A 116 2.46 5.34 8.54
N LYS A 117 1.92 5.85 7.43
CA LYS A 117 0.47 5.88 7.27
C LYS A 117 -0.11 4.48 7.17
N VAL A 118 0.57 3.58 6.47
CA VAL A 118 0.08 2.22 6.30
C VAL A 118 0.10 1.48 7.63
N ILE A 119 1.13 1.73 8.44
CA ILE A 119 1.17 1.20 9.81
C ILE A 119 -0.03 1.70 10.60
N GLY A 120 -0.32 3.00 10.47
CA GLY A 120 -1.43 3.56 11.21
C GLY A 120 -2.77 3.01 10.75
N PHE A 121 -2.88 2.71 9.45
CA PHE A 121 -4.09 2.10 8.93
C PHE A 121 -4.23 0.66 9.43
N ALA A 122 -3.15 -0.11 9.31
CA ALA A 122 -3.13 -1.49 9.80
C ALA A 122 -3.59 -1.57 11.25
N LYS A 123 -3.07 -0.70 12.10
CA LYS A 123 -3.40 -0.74 13.53
C LYS A 123 -4.89 -0.56 13.78
N MET A 124 -5.64 0.00 12.84
CA MET A 124 -7.08 0.17 13.01
C MET A 124 -7.90 -0.84 12.22
N ILE A 125 -7.28 -1.85 11.63
CA ILE A 125 -8.04 -2.96 11.04
C ILE A 125 -8.51 -3.87 12.17
N PRO A 126 -9.82 -4.18 12.26
CA PRO A 126 -10.30 -5.11 13.29
C PRO A 126 -9.51 -6.41 13.34
N GLY A 127 -8.85 -6.66 14.48
CA GLY A 127 -8.13 -7.89 14.70
C GLY A 127 -6.64 -7.82 14.50
N PHE A 128 -6.16 -6.88 13.68
CA PHE A 128 -4.73 -6.77 13.43
C PHE A 128 -3.95 -6.51 14.72
N ARG A 129 -4.47 -5.64 15.59
CA ARG A 129 -3.71 -5.32 16.80
C ARG A 129 -3.68 -6.48 17.77
N ASP A 130 -4.57 -7.46 17.61
CA ASP A 130 -4.57 -8.64 18.44
C ASP A 130 -3.65 -9.73 17.94
N LEU A 131 -3.04 -9.56 16.77
CA LEU A 131 -2.01 -10.47 16.30
C LEU A 131 -0.73 -10.27 17.11
N THR A 132 0.15 -11.26 17.06
CA THR A 132 1.45 -11.13 17.70
C THR A 132 2.27 -10.05 17.01
N ALA A 133 3.18 -9.43 17.78
CA ALA A 133 4.02 -8.40 17.19
C ALA A 133 4.78 -8.93 15.99
N GLU A 134 5.26 -10.17 16.07
CA GLU A 134 6.00 -10.76 14.96
C GLU A 134 5.12 -10.88 13.72
N ASP A 135 3.86 -11.32 13.88
CA ASP A 135 2.96 -11.41 12.74
C ASP A 135 2.61 -10.04 12.19
N GLN A 136 2.38 -9.07 13.07
CA GLN A 136 2.12 -7.72 12.60
C GLN A 136 3.26 -7.21 11.73
N ILE A 137 4.50 -7.50 12.14
CA ILE A 137 5.66 -7.06 11.38
C ILE A 137 5.77 -7.84 10.08
N ALA A 138 5.59 -9.16 10.14
CA ALA A 138 5.65 -9.99 8.94
C ALA A 138 4.66 -9.52 7.88
N LEU A 139 3.41 -9.26 8.28
CA LEU A 139 2.42 -8.80 7.31
C LEU A 139 2.83 -7.44 6.73
N LEU A 140 3.28 -6.51 7.59
CA LEU A 140 3.66 -5.18 7.12
C LEU A 140 4.90 -5.23 6.21
N LYS A 141 5.87 -6.06 6.53
CA LYS A 141 7.09 -6.10 5.72
C LYS A 141 6.80 -6.65 4.32
N SER A 142 5.96 -7.67 4.20
CA SER A 142 5.73 -8.20 2.87
C SER A 142 4.70 -7.36 2.10
N SER A 143 3.79 -6.68 2.79
CA SER A 143 2.67 -6.05 2.12
C SER A 143 2.77 -4.54 2.00
N ALA A 144 3.69 -3.86 2.72
CA ALA A 144 3.69 -2.40 2.72
C ALA A 144 3.78 -1.83 1.32
N ILE A 145 4.67 -2.38 0.49
CA ILE A 145 4.82 -1.82 -0.86
C ILE A 145 3.53 -1.98 -1.68
N GLU A 146 2.80 -3.08 -1.49
CA GLU A 146 1.53 -3.28 -2.20
C GLU A 146 0.47 -2.28 -1.75
N ILE A 147 0.40 -1.99 -0.45
N ILE A 147 0.41 -2.01 -0.44
CA ILE A 147 -0.61 -1.05 0.03
CA ILE A 147 -0.57 -1.07 0.08
C ILE A 147 -0.27 0.36 -0.42
C ILE A 147 -0.27 0.33 -0.42
N ILE A 148 1.02 0.70 -0.45
CA ILE A 148 1.42 1.98 -1.02
C ILE A 148 0.98 2.07 -2.48
N MET A 149 1.16 0.99 -3.25
CA MET A 149 0.72 0.99 -4.64
C MET A 149 -0.79 1.12 -4.75
N LEU A 150 -1.51 0.44 -3.86
CA LEU A 150 -2.98 0.51 -3.86
C LEU A 150 -3.45 1.90 -3.43
N ARG A 151 -2.91 2.40 -2.30
CA ARG A 151 -3.41 3.68 -1.77
C ARG A 151 -3.05 4.84 -2.69
N SER A 152 -1.94 4.72 -3.44
CA SER A 152 -1.53 5.77 -4.37
C SER A 152 -2.53 5.96 -5.51
N ASN A 153 -3.40 5.00 -5.76
CA ASN A 153 -4.39 5.18 -6.83
C ASN A 153 -5.28 6.39 -6.60
N GLN A 154 -5.40 6.83 -5.34
N GLN A 154 -5.41 6.86 -5.35
CA GLN A 154 -6.21 7.99 -4.98
CA GLN A 154 -6.28 8.01 -5.11
C GLN A 154 -5.64 9.29 -5.56
C GLN A 154 -5.62 9.34 -5.45
N SER A 155 -4.32 9.36 -5.74
CA SER A 155 -3.67 10.52 -6.35
C SER A 155 -3.42 10.35 -7.84
N PHE A 156 -3.61 9.15 -8.38
CA PHE A 156 -3.33 8.87 -9.78
C PHE A 156 -4.40 9.47 -10.70
N SER A 157 -3.96 10.04 -11.81
CA SER A 157 -4.82 10.70 -12.76
C SER A 157 -4.74 9.98 -14.10
N LEU A 158 -5.90 9.59 -14.62
CA LEU A 158 -5.94 9.00 -15.96
C LEU A 158 -5.57 10.02 -17.02
N GLU A 159 -5.87 11.31 -16.78
CA GLU A 159 -5.60 12.32 -17.78
C GLU A 159 -4.08 12.51 -17.97
N ASP A 160 -3.35 12.59 -16.87
CA ASP A 160 -1.92 12.86 -16.90
C ASP A 160 -1.06 11.60 -16.91
N MET A 161 -1.65 10.42 -16.66
CA MET A 161 -0.88 9.19 -16.44
C MET A 161 0.19 9.41 -15.36
N SER A 162 -0.23 10.05 -14.28
CA SER A 162 0.72 10.42 -13.25
C SER A 162 0.00 10.51 -11.91
N TRP A 163 0.79 10.54 -10.84
CA TRP A 163 0.27 10.78 -9.50
C TRP A 163 0.39 12.28 -9.22
N SER A 164 -0.74 12.93 -8.99
CA SER A 164 -0.79 14.37 -8.78
C SER A 164 -1.17 14.65 -7.33
N CYS A 165 -0.23 15.15 -6.54
CA CYS A 165 -0.44 15.34 -5.11
C CYS A 165 -0.48 16.82 -4.77
N GLY A 166 -1.46 17.52 -5.33
CA GLY A 166 -1.57 18.93 -5.03
C GLY A 166 -0.90 19.81 -6.05
N GLY A 167 0.32 20.26 -5.77
CA GLY A 167 1.02 21.16 -6.65
C GLY A 167 1.86 20.44 -7.70
N PRO A 168 2.35 21.20 -8.69
CA PRO A 168 3.19 20.58 -9.73
C PRO A 168 4.54 20.08 -9.23
N ASP A 169 5.03 20.57 -8.09
CA ASP A 169 6.24 20.01 -7.52
C ASP A 169 6.03 18.58 -7.07
N PHE A 170 4.80 18.23 -6.71
CA PHE A 170 4.45 16.91 -6.22
C PHE A 170 3.56 16.16 -7.21
N LYS A 171 3.84 16.35 -8.50
CA LYS A 171 3.30 15.53 -9.57
C LYS A 171 4.40 14.59 -10.03
N TYR A 172 4.16 13.28 -9.96
CA TYR A 172 5.17 12.27 -10.24
C TYR A 172 4.84 11.53 -11.53
N CYS A 173 5.72 11.70 -12.53
CA CYS A 173 5.72 10.96 -13.79
C CYS A 173 6.49 9.65 -13.63
N ILE A 174 6.31 8.78 -14.63
CA ILE A 174 7.18 7.63 -14.77
C ILE A 174 8.64 8.07 -14.82
N ASN A 175 8.92 9.16 -15.53
CA ASN A 175 10.30 9.61 -15.66
C ASN A 175 10.88 10.04 -14.32
N ASP A 176 10.05 10.60 -13.44
CA ASP A 176 10.53 10.93 -12.09
C ASP A 176 11.00 9.68 -11.36
N VAL A 177 10.26 8.58 -11.47
CA VAL A 177 10.59 7.38 -10.69
C VAL A 177 11.84 6.71 -11.24
N THR A 178 12.12 6.86 -12.54
CA THR A 178 13.37 6.31 -13.06
C THR A 178 14.56 7.02 -12.45
N LYS A 179 14.40 8.30 -12.11
CA LYS A 179 15.45 9.06 -11.43
C LYS A 179 15.51 8.76 -9.95
N ALA A 180 14.78 7.74 -9.48
CA ALA A 180 14.99 7.19 -8.15
C ALA A 180 15.53 5.77 -8.19
N GLY A 181 15.99 5.30 -9.34
CA GLY A 181 16.65 4.01 -9.45
C GLY A 181 15.80 2.87 -9.97
N HIS A 182 14.57 3.12 -10.42
CA HIS A 182 13.73 2.04 -10.93
C HIS A 182 13.66 2.07 -12.46
N THR A 183 13.27 0.91 -13.01
CA THR A 183 13.27 0.71 -14.46
C THR A 183 11.86 0.49 -14.98
N LEU A 184 11.74 0.54 -16.30
CA LEU A 184 10.44 0.33 -16.94
C LEU A 184 9.90 -1.06 -16.67
N GLU A 185 10.76 -2.04 -16.38
CA GLU A 185 10.29 -3.36 -16.02
C GLU A 185 9.33 -3.32 -14.84
N LEU A 186 9.55 -2.39 -13.91
CA LEU A 186 8.60 -2.16 -12.83
C LEU A 186 7.57 -1.11 -13.20
N LEU A 187 8.00 -0.02 -13.83
CA LEU A 187 7.12 1.15 -13.93
C LEU A 187 6.05 0.97 -15.01
N GLU A 188 6.33 0.20 -16.05
CA GLU A 188 5.30 -0.12 -17.04
C GLU A 188 4.16 -0.91 -16.43
N PRO A 189 4.39 -2.07 -15.79
CA PRO A 189 3.26 -2.75 -15.13
C PRO A 189 2.64 -1.95 -14.00
N LEU A 190 3.41 -1.13 -13.28
CA LEU A 190 2.83 -0.33 -12.21
C LEU A 190 1.80 0.65 -12.76
N VAL A 191 2.13 1.34 -13.85
CA VAL A 191 1.20 2.32 -14.41
C VAL A 191 0.00 1.64 -15.05
N LYS A 192 0.21 0.52 -15.74
CA LYS A 192 -0.94 -0.22 -16.25
C LYS A 192 -1.86 -0.66 -15.11
N PHE A 193 -1.26 -1.06 -13.98
CA PHE A 193 -2.04 -1.41 -12.80
C PHE A 193 -2.86 -0.22 -12.32
N GLN A 194 -2.23 0.96 -12.22
CA GLN A 194 -2.97 2.14 -11.75
C GLN A 194 -4.16 2.47 -12.67
N VAL A 195 -3.99 2.42 -14.00
CA VAL A 195 -5.13 2.82 -14.83
C VAL A 195 -6.23 1.75 -14.77
N GLY A 196 -5.86 0.47 -14.75
CA GLY A 196 -6.88 -0.57 -14.64
C GLY A 196 -7.65 -0.47 -13.34
N LEU A 197 -6.93 -0.24 -12.24
CA LEU A 197 -7.56 -0.02 -10.95
C LEU A 197 -8.41 1.24 -10.95
N LYS A 198 -7.90 2.34 -11.51
CA LYS A 198 -8.70 3.56 -11.58
C LYS A 198 -9.98 3.37 -12.39
N LYS A 199 -9.93 2.54 -13.46
CA LYS A 199 -11.09 2.32 -14.30
C LYS A 199 -12.17 1.52 -13.58
N LEU A 200 -11.81 0.76 -12.55
CA LEU A 200 -12.81 0.01 -11.77
C LEU A 200 -13.76 0.94 -11.04
N LYS A 201 -13.34 2.19 -10.79
CA LYS A 201 -14.20 3.22 -10.18
C LYS A 201 -14.72 2.79 -8.81
N LEU A 202 -13.81 2.29 -7.98
CA LEU A 202 -14.21 1.69 -6.72
C LEU A 202 -14.82 2.71 -5.77
N HIS A 203 -15.87 2.31 -5.07
CA HIS A 203 -16.31 3.08 -3.93
C HIS A 203 -15.21 3.14 -2.89
N GLU A 204 -15.24 4.19 -2.06
CA GLU A 204 -14.26 4.28 -0.97
C GLU A 204 -14.33 3.04 -0.07
N GLU A 205 -15.56 2.57 0.22
CA GLU A 205 -15.76 1.32 0.96
C GLU A 205 -14.97 0.17 0.36
N GLU A 206 -14.99 0.03 -0.96
CA GLU A 206 -14.33 -1.09 -1.62
C GLU A 206 -12.82 -0.94 -1.60
N HIS A 207 -12.34 0.26 -1.92
CA HIS A 207 -10.92 0.57 -1.89
C HIS A 207 -10.30 0.25 -0.54
N VAL A 208 -10.99 0.63 0.54
N VAL A 208 -10.97 0.63 0.54
CA VAL A 208 -10.42 0.41 1.87
CA VAL A 208 -10.38 0.39 1.85
C VAL A 208 -10.52 -1.05 2.28
C VAL A 208 -10.46 -1.09 2.21
N LEU A 209 -11.54 -1.76 1.79
CA LEU A 209 -11.63 -3.20 2.02
C LEU A 209 -10.49 -3.93 1.31
N LEU A 210 -10.18 -3.52 0.07
CA LEU A 210 -9.11 -4.19 -0.66
C LEU A 210 -7.75 -3.95 -0.02
N MET A 211 -7.52 -2.76 0.52
CA MET A 211 -6.27 -2.55 1.22
C MET A 211 -6.18 -3.46 2.45
N ALA A 212 -7.29 -3.62 3.16
CA ALA A 212 -7.29 -4.46 4.36
C ALA A 212 -7.13 -5.93 4.01
N ILE A 213 -7.81 -6.39 2.96
CA ILE A 213 -7.65 -7.77 2.51
C ILE A 213 -6.21 -8.01 2.09
N CYS A 214 -5.63 -7.07 1.36
CA CYS A 214 -4.23 -7.19 0.94
C CYS A 214 -3.32 -7.33 2.15
N LEU A 215 -3.50 -6.45 3.13
CA LEU A 215 -2.68 -6.48 4.34
C LEU A 215 -2.82 -7.78 5.08
N LEU A 216 -4.03 -8.29 5.22
CA LEU A 216 -4.33 -9.48 6.01
C LEU A 216 -4.19 -10.76 5.21
N SER A 217 -3.23 -10.84 4.28
CA SER A 217 -3.02 -12.06 3.51
C SER A 217 -2.17 -13.03 4.31
N PRO A 218 -2.64 -14.28 4.53
CA PRO A 218 -1.82 -15.23 5.29
C PRO A 218 -0.67 -15.84 4.48
N ASP A 219 -0.70 -15.78 3.15
CA ASP A 219 0.37 -16.35 2.32
C ASP A 219 1.50 -15.35 2.11
N ARG A 220 2.14 -14.98 3.21
CA ARG A 220 3.31 -14.11 3.21
C ARG A 220 4.45 -14.80 3.93
N PRO A 221 5.70 -14.61 3.49
CA PRO A 221 6.81 -15.21 4.22
C PRO A 221 6.84 -14.72 5.65
N GLY A 222 7.00 -15.66 6.59
CA GLY A 222 7.22 -15.32 7.98
C GLY A 222 5.99 -15.26 8.86
N VAL A 223 4.78 -15.43 8.32
CA VAL A 223 3.60 -15.42 9.19
C VAL A 223 3.56 -16.73 9.98
N GLN A 224 3.11 -16.64 11.23
CA GLN A 224 3.02 -17.80 12.11
C GLN A 224 1.56 -18.24 12.28
N ASP A 225 0.69 -17.35 12.75
CA ASP A 225 -0.70 -17.70 13.03
C ASP A 225 -1.51 -17.61 11.73
N HIS A 226 -1.23 -18.57 10.84
CA HIS A 226 -1.89 -18.61 9.54
C HIS A 226 -3.42 -18.65 9.68
N VAL A 227 -3.92 -19.50 10.59
CA VAL A 227 -5.37 -19.71 10.66
C VAL A 227 -6.09 -18.45 11.12
N ARG A 228 -5.51 -17.73 12.09
CA ARG A 228 -6.15 -16.52 12.58
C ARG A 228 -6.20 -15.45 11.50
N ILE A 229 -5.10 -15.26 10.79
CA ILE A 229 -5.05 -14.22 9.76
C ILE A 229 -5.99 -14.57 8.61
N GLU A 230 -6.02 -15.85 8.20
CA GLU A 230 -6.90 -16.22 7.09
C GLU A 230 -8.36 -16.05 7.47
N ALA A 231 -8.70 -16.37 8.73
CA ALA A 231 -10.07 -16.13 9.19
C ALA A 231 -10.42 -14.65 9.14
N LEU A 232 -9.50 -13.78 9.56
CA LEU A 232 -9.74 -12.34 9.45
C LEU A 232 -9.93 -11.92 8.01
N GLN A 233 -9.06 -12.40 7.11
CA GLN A 233 -9.17 -12.02 5.71
C GLN A 233 -10.45 -12.56 5.11
N ASP A 234 -10.84 -13.78 5.49
CA ASP A 234 -12.11 -14.35 5.02
C ASP A 234 -13.29 -13.47 5.40
N ARG A 235 -13.32 -12.99 6.64
CA ARG A 235 -14.39 -12.08 7.06
C ARG A 235 -14.44 -10.85 6.17
N LEU A 236 -13.28 -10.24 5.89
CA LEU A 236 -13.23 -9.04 5.06
C LEU A 236 -13.68 -9.33 3.63
N CYS A 237 -13.27 -10.47 3.06
CA CYS A 237 -13.71 -10.83 1.72
C CYS A 237 -15.23 -11.01 1.66
N ASP A 238 -15.81 -11.70 2.64
CA ASP A 238 -17.26 -11.81 2.74
C ASP A 238 -17.93 -10.45 2.73
N VAL A 239 -17.38 -9.51 3.50
CA VAL A 239 -17.94 -8.15 3.54
C VAL A 239 -17.90 -7.54 2.15
N LEU A 240 -16.75 -7.63 1.48
CA LEU A 240 -16.59 -7.00 0.18
C LEU A 240 -17.50 -7.62 -0.88
N GLN A 241 -17.59 -8.95 -0.90
CA GLN A 241 -18.53 -9.59 -1.82
C GLN A 241 -19.96 -9.14 -1.58
N ALA A 242 -20.35 -9.02 -0.32
CA ALA A 242 -21.72 -8.63 -0.01
C ALA A 242 -21.96 -7.16 -0.35
N TYR A 243 -20.98 -6.30 -0.04
CA TYR A 243 -21.10 -4.88 -0.37
C TYR A 243 -21.29 -4.67 -1.87
N ILE A 244 -20.45 -5.29 -2.69
CA ILE A 244 -20.55 -5.12 -4.15
C ILE A 244 -21.92 -5.58 -4.63
N ARG A 245 -22.38 -6.73 -4.16
CA ARG A 245 -23.64 -7.30 -4.62
C ARG A 245 -24.81 -6.39 -4.29
N ILE A 246 -24.78 -5.78 -3.11
CA ILE A 246 -25.95 -5.05 -2.60
C ILE A 246 -25.88 -3.57 -2.94
N GLN A 247 -24.67 -2.98 -2.87
CA GLN A 247 -24.49 -1.55 -2.96
C GLN A 247 -23.83 -1.06 -4.24
N HIS A 248 -23.30 -1.96 -5.07
CA HIS A 248 -22.60 -1.51 -6.27
C HIS A 248 -23.38 -1.89 -7.52
N PRO A 249 -24.18 -0.99 -8.09
CA PRO A 249 -24.95 -1.34 -9.28
C PRO A 249 -24.04 -1.73 -10.43
N GLY A 250 -24.37 -2.85 -11.07
CA GLY A 250 -23.59 -3.35 -12.18
C GLY A 250 -22.22 -3.89 -11.83
N GLY A 251 -22.06 -4.45 -10.63
CA GLY A 251 -20.75 -4.93 -10.21
C GLY A 251 -20.65 -6.43 -10.20
N ARG A 252 -21.36 -7.10 -11.11
CA ARG A 252 -21.37 -8.57 -11.10
C ARG A 252 -19.97 -9.15 -11.24
N LEU A 253 -19.12 -8.52 -12.05
CA LEU A 253 -17.76 -8.99 -12.26
C LEU A 253 -16.71 -8.26 -11.42
N LEU A 254 -17.14 -7.39 -10.50
CA LEU A 254 -16.19 -6.52 -9.82
C LEU A 254 -15.32 -7.29 -8.83
N TYR A 255 -15.92 -8.19 -8.05
CA TYR A 255 -15.14 -8.88 -7.04
C TYR A 255 -13.98 -9.64 -7.67
N ALA A 256 -14.26 -10.40 -8.74
CA ALA A 256 -13.21 -11.12 -9.45
C ALA A 256 -12.11 -10.18 -9.96
N LYS A 257 -12.48 -9.03 -10.52
CA LYS A 257 -11.48 -8.07 -10.97
C LYS A 257 -10.60 -7.60 -9.83
N MET A 258 -11.20 -7.35 -8.66
CA MET A 258 -10.44 -6.84 -7.53
C MET A 258 -9.47 -7.90 -7.01
N ILE A 259 -9.89 -9.17 -7.03
CA ILE A 259 -9.01 -10.26 -6.62
C ILE A 259 -7.85 -10.39 -7.59
N GLN A 260 -8.11 -10.21 -8.88
CA GLN A 260 -7.03 -10.22 -9.86
C GLN A 260 -6.02 -9.13 -9.56
N LYS A 261 -6.47 -7.95 -9.11
CA LYS A 261 -5.55 -6.86 -8.79
C LYS A 261 -4.62 -7.23 -7.66
N LEU A 262 -5.11 -8.00 -6.68
CA LEU A 262 -4.24 -8.55 -5.65
C LEU A 262 -3.15 -9.44 -6.24
N ALA A 263 -3.50 -10.25 -7.24
CA ALA A 263 -2.51 -11.05 -7.95
C ALA A 263 -1.49 -10.16 -8.66
N ASP A 264 -1.97 -9.09 -9.31
CA ASP A 264 -1.07 -8.16 -9.97
C ASP A 264 -0.08 -7.55 -8.99
N LEU A 265 -0.56 -7.20 -7.78
CA LEU A 265 0.31 -6.58 -6.80
C LEU A 265 1.44 -7.52 -6.36
N ARG A 266 1.17 -8.82 -6.28
CA ARG A 266 2.23 -9.79 -5.99
C ARG A 266 3.36 -9.67 -7.00
N SER A 267 3.02 -9.60 -8.29
CA SER A 267 4.01 -9.47 -9.35
C SER A 267 4.75 -8.14 -9.25
N LEU A 268 4.02 -7.05 -8.96
CA LEU A 268 4.68 -5.76 -8.76
C LEU A 268 5.58 -5.78 -7.53
N ASN A 269 5.14 -6.46 -6.47
CA ASN A 269 5.93 -6.60 -5.25
C ASN A 269 7.27 -7.25 -5.55
N GLU A 270 7.22 -8.37 -6.28
CA GLU A 270 8.41 -9.13 -6.65
C GLU A 270 9.39 -8.27 -7.43
N GLU A 271 8.89 -7.56 -8.46
CA GLU A 271 9.76 -6.74 -9.29
C GLU A 271 10.34 -5.58 -8.48
N HIS A 272 9.52 -4.95 -7.63
CA HIS A 272 10.03 -3.88 -6.80
C HIS A 272 11.13 -4.37 -5.85
N SER A 273 10.94 -5.52 -5.22
N SER A 273 10.93 -5.53 -5.22
CA SER A 273 11.93 -6.01 -4.26
CA SER A 273 11.92 -6.03 -4.27
C SER A 273 13.24 -6.37 -4.97
C SER A 273 13.23 -6.34 -4.99
N LYS A 274 13.14 -6.89 -6.20
CA LYS A 274 14.33 -7.13 -7.01
C LYS A 274 15.10 -5.84 -7.25
N GLN A 275 14.41 -4.79 -7.68
CA GLN A 275 15.08 -3.52 -7.99
C GLN A 275 15.51 -2.79 -6.71
N TYR A 276 14.78 -2.99 -5.61
CA TYR A 276 15.18 -2.37 -4.35
C TYR A 276 16.50 -2.97 -3.86
N ARG A 277 16.69 -4.27 -4.07
CA ARG A 277 17.94 -4.93 -3.72
C ARG A 277 19.14 -4.28 -4.40
N SER A 278 18.98 -3.81 -5.64
CA SER A 278 20.07 -3.11 -6.32
C SER A 278 20.41 -1.79 -5.63
N LEU A 279 19.37 -1.00 -5.30
CA LEU A 279 19.61 0.24 -4.55
C LEU A 279 20.30 -0.05 -3.23
N SER A 280 19.73 -0.96 -2.45
CA SER A 280 20.19 -1.18 -1.08
C SER A 280 21.58 -1.79 -1.04
N PHE A 281 22.03 -2.42 -2.12
CA PHE A 281 23.39 -2.95 -2.14
C PHE A 281 24.43 -1.91 -2.54
N GLN A 282 24.02 -0.70 -2.91
CA GLN A 282 24.99 0.33 -3.28
C GLN A 282 24.94 1.41 -2.22
N PRO A 283 25.96 1.51 -1.36
CA PRO A 283 25.82 2.40 -0.19
C PRO A 283 25.63 3.86 -0.56
N GLU A 284 26.13 4.33 -1.70
CA GLU A 284 25.85 5.72 -2.04
C GLU A 284 24.37 5.96 -2.34
N HIS A 285 23.61 4.93 -2.71
CA HIS A 285 22.16 5.05 -2.82
C HIS A 285 21.46 4.72 -1.52
N SER A 286 21.80 3.60 -0.87
CA SER A 286 21.11 3.25 0.35
C SER A 286 21.25 4.32 1.43
N MET A 287 22.36 5.08 1.43
N MET A 287 22.36 5.08 1.43
CA MET A 287 22.51 6.14 2.41
CA MET A 287 22.50 6.15 2.42
C MET A 287 21.48 7.26 2.19
C MET A 287 21.47 7.25 2.21
N GLN A 288 20.82 7.30 1.03
CA GLN A 288 19.77 8.28 0.79
C GLN A 288 18.41 7.81 1.29
N LEU A 289 18.28 6.56 1.71
CA LEU A 289 17.00 6.07 2.18
C LEU A 289 16.77 6.54 3.63
N THR A 290 15.59 6.24 4.16
CA THR A 290 15.34 6.55 5.56
C THR A 290 15.52 5.31 6.41
N PRO A 291 15.77 5.46 7.73
CA PRO A 291 15.80 4.29 8.61
C PRO A 291 14.55 3.42 8.51
N LEU A 292 13.37 4.03 8.41
CA LEU A 292 12.16 3.22 8.36
C LEU A 292 12.08 2.40 7.07
N VAL A 293 12.48 3.00 5.95
CA VAL A 293 12.48 2.27 4.69
C VAL A 293 13.46 1.11 4.75
N LEU A 294 14.67 1.36 5.29
CA LEU A 294 15.66 0.30 5.45
C LEU A 294 15.11 -0.85 6.29
N GLU A 295 14.35 -0.52 7.33
CA GLU A 295 13.80 -1.55 8.22
C GLU A 295 12.71 -2.35 7.52
N VAL A 296 11.73 -1.66 6.94
CA VAL A 296 10.55 -2.34 6.41
C VAL A 296 10.87 -3.07 5.12
N PHE A 297 11.65 -2.45 4.23
CA PHE A 297 11.98 -3.08 2.97
C PHE A 297 13.19 -4.00 3.08
N GLY A 298 13.84 -4.03 4.24
CA GLY A 298 15.00 -4.87 4.45
C GLY A 298 14.64 -6.33 4.66
N SER A 299 15.68 -7.15 4.81
CA SER A 299 15.52 -8.59 4.77
C SER A 299 15.66 -9.25 6.14
N GLU A 300 15.87 -8.46 7.20
CA GLU A 300 15.93 -9.01 8.55
C GLU A 300 14.63 -9.73 8.91
N VAL A 301 14.76 -10.80 9.70
CA VAL A 301 13.65 -11.66 10.06
C VAL A 301 13.49 -11.67 11.57
N SER A 302 12.24 -11.56 12.03
CA SER A 302 11.92 -11.72 13.46
C SER A 302 11.52 -13.17 13.74
N LYS B 1 16.19 -5.39 16.92
CA LYS B 1 15.74 -5.61 15.54
C LYS B 1 14.34 -5.08 15.33
N HIS B 2 14.08 -4.50 14.15
CA HIS B 2 12.81 -3.83 13.83
C HIS B 2 12.42 -2.84 14.92
N LYS B 3 13.41 -2.05 15.35
CA LYS B 3 13.23 -1.12 16.46
C LYS B 3 12.16 -0.09 16.17
N ILE B 4 12.16 0.47 14.96
CA ILE B 4 11.18 1.50 14.62
C ILE B 4 9.79 0.90 14.45
N LEU B 5 9.70 -0.26 13.78
CA LEU B 5 8.41 -0.92 13.59
C LEU B 5 7.74 -1.21 14.93
N HIS B 6 8.50 -1.79 15.88
CA HIS B 6 7.95 -2.07 17.21
C HIS B 6 7.41 -0.81 17.86
N ARG B 7 8.16 0.29 17.76
CA ARG B 7 7.73 1.54 18.37
C ARG B 7 6.44 2.05 17.73
N LEU B 8 6.39 2.05 16.39
CA LEU B 8 5.21 2.51 15.67
C LEU B 8 3.99 1.60 15.89
N LEU B 9 4.21 0.31 16.13
CA LEU B 9 3.11 -0.57 16.46
C LEU B 9 2.66 -0.41 17.91
N GLN B 10 3.23 0.58 18.62
CA GLN B 10 2.88 1.06 19.97
C GLN B 10 3.66 0.34 21.06
C ACT C . -1.30 10.57 2.71
O ACT C . -1.58 11.38 3.65
OXT ACT C . -0.89 9.39 2.85
CH3 ACT C . -1.47 11.04 1.26
C7 A1IQQ D . 3.94 3.96 -5.94
C8 A1IQQ D . 5.17 3.00 -6.01
C9 A1IQQ D . 6.33 3.86 -6.57
C1 A1IQQ D . 5.89 7.78 -6.80
C5 A1IQQ D . 5.96 5.31 -6.19
C6 A1IQQ D . 6.57 6.43 -7.03
C4 A1IQQ D . 4.45 5.28 -6.55
C3 A1IQQ D . 3.78 6.59 -6.24
C2 A1IQQ D . 4.38 7.71 -7.05
C10 A1IQQ D . 2.87 6.75 -5.26
C11 A1IQQ D . 2.29 7.98 -4.84
C12 A1IQQ D . 1.88 8.31 -3.59
C13 A1IQQ D . 1.22 9.64 -3.29
C14 A1IQQ D . -0.03 9.51 -2.44
C15 A1IQQ D . 0.29 8.72 -1.18
C16 A1IQQ D . 0.86 7.36 -1.55
C17 A1IQQ D . 2.11 7.52 -2.40
C18 A1IQQ D . 3.27 7.03 -2.01
C21 A1IQQ D . 6.12 5.61 -4.69
C22 A1IQQ D . 7.73 3.31 -6.21
C23 A1IQQ D . 8.19 2.21 -7.16
C24 A1IQQ D . 7.84 2.81 -4.75
C25 A1IQQ D . 9.20 2.96 -4.20
C26 A1IQQ D . 10.34 3.03 -3.84
O19 A1IQQ D . 1.10 6.59 -0.39
O20 A1IQQ D . -1.09 8.88 -3.19
C28 A1IQQ D . 12.98 1.78 -3.74
C29 A1IQQ D . 12.61 4.81 -3.88
SI27 A1IQQ D . 11.97 3.23 -3.15
#